data_2NYF
#
_entry.id   2NYF
#
_cell.length_a   74.279
_cell.length_b   91.486
_cell.length_c   151.098
_cell.angle_alpha   90.00
_cell.angle_beta   90.00
_cell.angle_gamma   90.00
#
_symmetry.space_group_name_H-M   'I 2 2 2'
#
loop_
_entity.id
_entity.type
_entity.pdbx_description
1 polymer 'Nostoc punctiforme phenylalanine ammonia lyase'
2 water water
#
_entity_poly.entity_id   1
_entity_poly.type   'polypeptide(L)'
_entity_poly.pdbx_seq_one_letter_code
;MNITSLQQNITRSWQIPFTNSSDSIVTVGDRNLTIDEVVNVARHGTQVRLTDNADVIRGVQASCDYINNAVETAQPIYGV
TSGFGGMADVVISREQAAELQTNLIWFLKSGAGNKLSLADVRAAMLLRANSHLYGASGIRLELIQRIETFLNAGVTPHVY
EFGSIG(MDO)DLVPLSYITGALIGLDPSFTVDFDGKEMDAVTALSRLGLPKLQLQPKEGLAMMNGTSVMTGIAANCVYD
AKVLLALTMGVHALAIQGLYGTNQSFHPFIHQCKPHPGQLWTADQMFSLLKDSSLVREELDGKHEYRGKDLIQDRYSLRC
LAQFIGPIVDGVSEITKQIEVEMNSVTDNPLIDVENQVSYHGGNFLGQYVGVTMDRLRYYIGLLAKHIDVQIALLVSPEF
SNGLPPSLVGNSDRKVNMGLKGLQISGNSIMPLLSFYGNSLADRFPTHAEQFNQNINSQGYISANLTRRSVDIFQNYMAI
ALMFGVQAVDLRTYKMKGHYDARTCLSPNTVQLYTAVCEVVGKPLTSVRPYIWNDNEQCLDEHIARISADIAGGGLIVQA
VEHIFSSLKST
;
_entity_poly.pdbx_strand_id   A
#
# COMPACT_ATOMS: atom_id res chain seq x y z
N SER A 24 22.99 -0.28 -3.07
CA SER A 24 21.54 -0.08 -2.77
C SER A 24 21.14 1.39 -2.77
N ILE A 25 21.12 2.03 -3.94
CA ILE A 25 20.76 3.43 -4.03
C ILE A 25 19.81 3.67 -5.21
N VAL A 26 18.75 4.43 -4.96
CA VAL A 26 17.78 4.70 -6.00
C VAL A 26 18.11 5.99 -6.75
N THR A 27 18.22 5.87 -8.08
CA THR A 27 18.53 7.01 -8.94
C THR A 27 17.31 7.43 -9.76
N VAL A 28 16.92 8.69 -9.58
CA VAL A 28 15.76 9.23 -10.28
C VAL A 28 16.15 9.86 -11.63
N GLY A 29 15.25 9.80 -12.61
CA GLY A 29 15.53 10.40 -13.90
C GLY A 29 15.93 9.53 -15.08
N ASP A 30 16.69 8.46 -14.81
CA ASP A 30 17.15 7.58 -15.88
C ASP A 30 16.11 6.52 -16.28
N ARG A 31 15.66 5.72 -15.31
CA ARG A 31 14.66 4.69 -15.59
C ARG A 31 13.35 5.03 -14.87
N ASN A 32 12.25 4.51 -15.38
CA ASN A 32 10.94 4.75 -14.77
C ASN A 32 10.87 4.08 -13.40
N LEU A 33 10.37 4.82 -12.42
CA LEU A 33 10.24 4.29 -11.07
C LEU A 33 9.19 3.20 -11.00
N THR A 34 9.42 2.23 -10.13
CA THR A 34 8.50 1.13 -9.95
C THR A 34 7.96 1.27 -8.53
N ILE A 35 6.84 0.61 -8.27
CA ILE A 35 6.25 0.67 -6.93
C ILE A 35 7.29 0.28 -5.87
N ASP A 36 8.00 -0.81 -6.11
CA ASP A 36 8.98 -1.30 -5.15
C ASP A 36 10.05 -0.27 -4.83
N GLU A 37 10.40 0.55 -5.81
CA GLU A 37 11.40 1.60 -5.61
C GLU A 37 10.92 2.67 -4.64
N VAL A 38 9.67 3.12 -4.85
CA VAL A 38 9.04 4.15 -4.02
C VAL A 38 8.86 3.68 -2.58
N VAL A 39 8.55 2.41 -2.40
CA VAL A 39 8.34 1.85 -1.07
C VAL A 39 9.63 1.87 -0.24
N ASN A 40 10.71 1.31 -0.80
CA ASN A 40 12.00 1.29 -0.12
C ASN A 40 12.42 2.68 0.36
N VAL A 41 12.35 3.65 -0.54
CA VAL A 41 12.71 5.03 -0.25
C VAL A 41 11.79 5.66 0.80
N ALA A 42 10.51 5.33 0.73
CA ALA A 42 9.53 5.90 1.65
C ALA A 42 9.48 5.20 3.00
N ARG A 43 9.44 3.87 2.95
CA ARG A 43 9.36 3.05 4.16
C ARG A 43 10.72 2.69 4.79
N HIS A 44 11.68 2.30 3.95
CA HIS A 44 12.99 1.87 4.43
C HIS A 44 14.08 2.93 4.49
N GLY A 45 13.76 4.18 4.16
CA GLY A 45 14.75 5.24 4.22
C GLY A 45 15.88 5.18 3.19
N THR A 46 15.74 4.30 2.22
CA THR A 46 16.73 4.13 1.13
C THR A 46 17.20 5.50 0.63
N GLN A 47 18.43 5.55 0.13
CA GLN A 47 19.03 6.77 -0.40
C GLN A 47 18.67 7.04 -1.85
N VAL A 48 18.56 8.32 -2.17
CA VAL A 48 18.22 8.77 -3.51
C VAL A 48 19.37 9.55 -4.14
N ARG A 49 19.47 9.46 -5.47
CA ARG A 49 20.48 10.14 -6.25
C ARG A 49 19.97 10.50 -7.63
N LEU A 50 19.97 11.79 -7.92
CA LEU A 50 19.51 12.22 -9.23
C LEU A 50 20.54 11.84 -10.31
N THR A 51 20.12 11.13 -11.35
CA THR A 51 21.04 10.74 -12.45
C THR A 51 21.91 11.95 -12.88
N ASP A 52 23.08 11.69 -13.47
CA ASP A 52 24.00 12.76 -13.88
C ASP A 52 23.96 12.95 -15.40
N ASN A 53 23.07 12.20 -16.05
CA ASN A 53 22.88 12.25 -17.48
C ASN A 53 22.73 13.68 -17.99
N ALA A 54 23.70 14.14 -18.79
CA ALA A 54 23.66 15.50 -19.35
C ALA A 54 22.38 15.76 -20.13
N ASP A 55 21.96 14.78 -20.93
CA ASP A 55 20.73 14.91 -21.72
C ASP A 55 19.59 15.38 -20.82
N VAL A 56 19.39 14.67 -19.72
CA VAL A 56 18.33 14.99 -18.77
C VAL A 56 18.50 16.37 -18.16
N ILE A 57 19.64 16.59 -17.50
CA ILE A 57 19.89 17.88 -16.85
C ILE A 57 19.72 19.04 -17.84
N ARG A 58 20.09 18.80 -19.10
CA ARG A 58 19.94 19.82 -20.13
C ARG A 58 18.47 20.08 -20.42
N GLY A 59 17.65 19.04 -20.32
CA GLY A 59 16.22 19.19 -20.57
C GLY A 59 15.57 20.02 -19.47
N VAL A 60 16.04 19.86 -18.24
CA VAL A 60 15.51 20.59 -17.10
C VAL A 60 15.91 22.05 -17.20
N GLN A 61 17.17 22.28 -17.61
CA GLN A 61 17.68 23.63 -17.74
C GLN A 61 17.04 24.33 -18.95
N ALA A 62 16.80 23.56 -20.01
CA ALA A 62 16.20 24.07 -21.23
C ALA A 62 14.78 24.59 -21.02
N SER A 63 14.01 23.86 -20.21
CA SER A 63 12.63 24.24 -19.92
C SER A 63 12.57 25.51 -19.07
N CYS A 64 13.59 25.73 -18.24
CA CYS A 64 13.62 26.92 -17.39
C CYS A 64 13.96 28.16 -18.19
N ASP A 65 14.90 28.03 -19.13
CA ASP A 65 15.27 29.17 -19.95
C ASP A 65 14.06 29.62 -20.75
N TYR A 66 13.26 28.66 -21.21
CA TYR A 66 12.06 29.00 -21.97
C TYR A 66 11.19 29.96 -21.16
N ILE A 67 11.07 29.69 -19.85
CA ILE A 67 10.28 30.53 -18.97
C ILE A 67 10.99 31.87 -18.80
N ASN A 68 12.28 31.80 -18.50
CA ASN A 68 13.09 32.99 -18.32
C ASN A 68 12.98 33.88 -19.55
N ASN A 69 13.15 33.29 -20.73
CA ASN A 69 13.07 34.03 -21.98
C ASN A 69 11.70 34.67 -22.18
N ALA A 70 10.69 34.08 -21.54
CA ALA A 70 9.32 34.56 -21.64
C ALA A 70 9.21 35.81 -20.80
N VAL A 71 10.15 36.01 -19.90
CA VAL A 71 10.03 37.24 -19.14
C VAL A 71 10.82 38.32 -19.85
N GLU A 72 11.81 37.90 -20.64
CA GLU A 72 12.63 38.85 -21.38
C GLU A 72 11.71 39.61 -22.33
N THR A 73 10.93 38.88 -23.11
CA THR A 73 9.99 39.49 -24.05
C THR A 73 8.88 40.25 -23.33
N ALA A 74 8.19 39.57 -22.43
CA ALA A 74 7.12 40.20 -21.67
C ALA A 74 7.08 39.66 -20.23
N ILE A 92 2.74 41.34 -16.68
CA ILE A 92 3.39 40.14 -16.04
C ILE A 92 4.90 40.41 -15.94
N SER A 93 5.32 40.87 -14.75
CA SER A 93 6.70 41.22 -14.41
C SER A 93 7.40 40.17 -13.52
N ARG A 94 8.71 39.95 -13.70
CA ARG A 94 9.46 38.94 -12.90
C ARG A 94 9.11 39.00 -11.41
N GLU A 95 9.07 40.22 -10.90
CA GLU A 95 8.78 40.45 -9.49
C GLU A 95 7.35 40.14 -9.13
N GLN A 96 6.42 40.52 -10.01
CA GLN A 96 5.01 40.27 -9.78
C GLN A 96 4.73 38.77 -9.95
N ALA A 97 5.33 38.17 -10.98
CA ALA A 97 5.14 36.74 -11.26
C ALA A 97 5.80 35.82 -10.23
N ALA A 98 6.66 36.37 -9.38
CA ALA A 98 7.32 35.57 -8.37
C ALA A 98 6.53 35.73 -7.07
N GLU A 99 5.90 36.88 -6.90
CA GLU A 99 5.09 37.15 -5.71
C GLU A 99 3.86 36.27 -5.85
N LEU A 100 3.37 36.15 -7.07
CA LEU A 100 2.21 35.32 -7.36
C LEU A 100 2.52 33.89 -6.93
N GLN A 101 3.66 33.36 -7.37
CA GLN A 101 4.05 32.00 -7.00
C GLN A 101 4.15 31.81 -5.51
N THR A 102 4.56 32.85 -4.80
CA THR A 102 4.73 32.78 -3.35
C THR A 102 3.42 32.94 -2.57
N ASN A 103 2.54 33.81 -3.05
CA ASN A 103 1.26 34.03 -2.38
C ASN A 103 0.38 32.81 -2.59
N LEU A 104 0.76 32.00 -3.59
CA LEU A 104 0.04 30.78 -3.91
C LEU A 104 0.14 29.84 -2.70
N ILE A 105 1.35 29.66 -2.20
CA ILE A 105 1.59 28.80 -1.05
C ILE A 105 0.75 29.23 0.16
N TRP A 106 0.58 30.53 0.31
CA TRP A 106 -0.16 31.08 1.44
C TRP A 106 -1.66 30.84 1.56
N PHE A 107 -2.42 31.04 0.48
CA PHE A 107 -3.86 30.82 0.56
C PHE A 107 -4.18 29.34 0.51
N LEU A 108 -3.21 28.54 0.05
CA LEU A 108 -3.36 27.09 -0.02
C LEU A 108 -3.03 26.39 1.30
N LYS A 109 -2.62 27.14 2.32
CA LYS A 109 -2.28 26.53 3.61
C LYS A 109 -3.53 26.42 4.50
N SER A 110 -4.47 25.60 4.02
CA SER A 110 -5.74 25.37 4.69
C SER A 110 -6.08 23.88 4.88
N GLY A 111 -5.05 23.07 5.13
CA GLY A 111 -5.26 21.66 5.34
C GLY A 111 -5.91 21.39 6.69
N ALA A 112 -6.63 20.28 6.81
CA ALA A 112 -7.29 19.94 8.05
C ALA A 112 -7.27 18.43 8.28
N GLY A 113 -7.64 18.04 9.50
CA GLY A 113 -7.68 16.62 9.86
C GLY A 113 -6.34 16.09 10.33
N ASN A 114 -6.24 14.78 10.50
CA ASN A 114 -5.00 14.17 10.92
C ASN A 114 -3.89 14.35 9.88
N LYS A 115 -2.68 14.02 10.28
CA LYS A 115 -1.52 14.16 9.40
C LYS A 115 -1.23 12.90 8.59
N LEU A 116 -0.73 13.02 7.36
CA LEU A 116 -0.41 11.84 6.56
C LEU A 116 0.76 11.09 7.18
N SER A 117 1.01 9.85 6.74
CA SER A 117 2.15 9.12 7.31
C SER A 117 3.40 9.63 6.65
N LEU A 118 4.46 9.70 7.44
CA LEU A 118 5.77 10.14 6.95
C LEU A 118 6.19 9.42 5.68
N ALA A 119 5.80 8.16 5.52
CA ALA A 119 6.18 7.42 4.32
C ALA A 119 5.37 7.90 3.12
N ASP A 120 4.12 8.30 3.36
CA ASP A 120 3.27 8.79 2.28
C ASP A 120 3.83 10.09 1.74
N VAL A 121 4.27 10.96 2.64
CA VAL A 121 4.83 12.24 2.24
C VAL A 121 6.18 12.06 1.55
N ARG A 122 6.98 11.10 2.01
CA ARG A 122 8.29 10.84 1.41
C ARG A 122 8.11 10.33 -0.02
N ALA A 123 7.09 9.50 -0.23
CA ALA A 123 6.83 8.97 -1.56
C ALA A 123 6.35 10.08 -2.44
N ALA A 124 5.55 10.99 -1.90
CA ALA A 124 5.07 12.11 -2.70
C ALA A 124 6.27 12.88 -3.20
N MET A 125 7.15 13.29 -2.28
CA MET A 125 8.34 14.03 -2.65
C MET A 125 9.12 13.31 -3.75
N LEU A 126 9.44 12.05 -3.52
CA LEU A 126 10.15 11.28 -4.52
C LEU A 126 9.48 11.41 -5.89
N LEU A 127 8.16 11.27 -5.94
CA LEU A 127 7.45 11.37 -7.21
C LEU A 127 7.46 12.78 -7.80
N ARG A 128 7.42 13.80 -6.95
CA ARG A 128 7.44 15.18 -7.43
C ARG A 128 8.74 15.36 -8.21
N ALA A 129 9.84 15.03 -7.54
CA ALA A 129 11.18 15.11 -8.12
C ALA A 129 11.20 14.37 -9.44
N ASN A 130 10.97 13.06 -9.36
CA ASN A 130 10.96 12.23 -10.55
C ASN A 130 10.23 12.87 -11.72
N SER A 131 9.15 13.59 -11.42
CA SER A 131 8.36 14.24 -12.46
C SER A 131 9.07 15.38 -13.17
N HIS A 132 9.60 16.32 -12.38
CA HIS A 132 10.33 17.48 -12.91
C HIS A 132 11.57 17.10 -13.68
N LEU A 133 11.88 15.80 -13.69
CA LEU A 133 13.07 15.33 -14.37
C LEU A 133 12.89 15.10 -15.84
N TYR A 134 11.65 15.07 -16.31
CA TYR A 134 11.45 14.86 -17.73
C TYR A 134 11.76 16.20 -18.37
N GLY A 135 11.86 17.22 -17.52
CA GLY A 135 12.18 18.56 -17.98
C GLY A 135 11.14 19.18 -18.87
N ALA A 136 9.93 19.31 -18.35
CA ALA A 136 8.85 19.92 -19.10
C ALA A 136 8.10 20.78 -18.11
N SER A 137 8.68 20.96 -16.93
CA SER A 137 8.03 21.75 -15.90
C SER A 137 8.63 23.14 -15.73
N GLY A 138 9.78 23.38 -16.35
CA GLY A 138 10.44 24.67 -16.20
C GLY A 138 10.74 25.01 -14.75
N ILE A 139 11.39 24.08 -14.03
CA ILE A 139 11.76 24.29 -12.63
C ILE A 139 13.26 24.12 -12.42
N ARG A 140 13.81 24.90 -11.48
CA ARG A 140 15.25 24.91 -11.17
C ARG A 140 15.79 23.63 -10.54
N LEU A 141 16.82 23.07 -11.16
CA LEU A 141 17.44 21.86 -10.67
C LEU A 141 17.71 22.01 -9.17
N GLU A 142 17.99 23.23 -8.74
CA GLU A 142 18.27 23.46 -7.32
C GLU A 142 17.11 23.00 -6.43
N LEU A 143 15.89 23.11 -6.95
CA LEU A 143 14.72 22.71 -6.19
C LEU A 143 14.56 21.19 -6.31
N ILE A 144 14.77 20.68 -7.52
CA ILE A 144 14.68 19.24 -7.77
C ILE A 144 15.69 18.56 -6.82
N GLN A 145 16.63 19.34 -6.29
CA GLN A 145 17.66 18.81 -5.39
C GLN A 145 17.27 18.99 -3.92
N ARG A 146 16.54 20.05 -3.61
CA ARG A 146 16.10 20.30 -2.25
C ARG A 146 15.34 19.12 -1.70
N ILE A 147 14.80 18.31 -2.61
CA ILE A 147 14.03 17.15 -2.23
C ILE A 147 15.00 16.04 -1.88
N GLU A 148 15.92 15.78 -2.79
CA GLU A 148 16.94 14.75 -2.57
C GLU A 148 17.56 14.96 -1.21
N THR A 149 17.78 16.22 -0.87
CA THR A 149 18.38 16.56 0.41
C THR A 149 17.46 16.18 1.57
N PHE A 150 16.20 16.59 1.51
CA PHE A 150 15.24 16.27 2.58
C PHE A 150 15.06 14.76 2.69
N LEU A 151 14.97 14.09 1.54
CA LEU A 151 14.78 12.65 1.57
C LEU A 151 15.95 11.94 2.24
N ASN A 152 17.18 12.32 1.88
CA ASN A 152 18.36 11.69 2.45
C ASN A 152 18.69 12.18 3.86
N ALA A 153 18.17 13.34 4.23
CA ALA A 153 18.42 13.87 5.56
C ALA A 153 17.35 13.42 6.54
N GLY A 154 16.27 12.85 6.02
CA GLY A 154 15.19 12.40 6.88
C GLY A 154 14.28 13.53 7.32
N VAL A 155 14.11 14.51 6.45
CA VAL A 155 13.22 15.61 6.78
C VAL A 155 11.92 15.35 6.03
N THR A 156 10.82 15.43 6.76
CA THR A 156 9.51 15.19 6.17
C THR A 156 8.54 16.26 6.59
N PRO A 157 8.13 17.11 5.65
CA PRO A 157 7.18 18.19 5.93
C PRO A 157 5.86 17.58 6.43
N HIS A 158 5.15 18.28 7.29
CA HIS A 158 3.86 17.80 7.77
C HIS A 158 2.76 18.07 6.75
N VAL A 159 1.87 17.09 6.56
CA VAL A 159 0.76 17.23 5.62
C VAL A 159 -0.58 16.70 6.17
N TYR A 160 -1.63 17.50 6.01
CA TYR A 160 -2.96 17.12 6.45
C TYR A 160 -3.64 16.14 5.50
N GLU A 161 -4.58 15.36 6.04
CA GLU A 161 -5.30 14.35 5.27
C GLU A 161 -6.42 14.95 4.43
N PHE A 162 -6.89 16.14 4.83
CA PHE A 162 -7.99 16.82 4.12
C PHE A 162 -7.47 18.05 3.41
N GLY A 163 -8.01 18.32 2.22
CA GLY A 163 -7.60 19.51 1.49
C GLY A 163 -7.56 19.43 -0.02
N SER A 164 -7.50 18.22 -0.57
CA SER A 164 -7.41 18.06 -2.01
C SER A 164 -8.63 17.34 -2.60
N ILE A 165 -9.06 17.73 -3.79
CA ILE A 165 -10.19 17.06 -4.42
C ILE A 165 -9.70 16.19 -5.58
N GLY A 166 -8.38 16.15 -5.76
CA GLY A 166 -7.78 15.34 -6.80
C GLY A 166 -7.70 15.96 -8.18
N1 MDO A 167 -7.49 17.27 -8.25
CA1 MDO A 167 -7.40 17.97 -9.54
C1 MDO A 167 -6.45 19.15 -9.51
CB MDO A 167 -8.78 18.40 -9.94
N2 MDO A 167 -6.69 20.39 -9.98
CA2 MDO A 167 -5.58 21.12 -9.77
C2 MDO A 167 -4.67 20.27 -9.17
O2 MDO A 167 -3.44 20.55 -8.75
CB2 MDO A 167 -5.39 22.59 -10.16
N3 MDO A 167 -5.22 19.09 -8.99
CA3 MDO A 167 -4.55 17.96 -8.39
C3 MDO A 167 -4.43 18.17 -6.87
O3 MDO A 167 -5.40 18.60 -6.24
N ASP A 168 -3.28 17.83 -6.31
CA ASP A 168 -3.02 17.96 -4.87
C ASP A 168 -2.52 19.33 -4.39
N LEU A 169 -3.07 20.39 -4.96
CA LEU A 169 -2.66 21.75 -4.58
C LEU A 169 -2.34 22.02 -3.10
N VAL A 170 -3.35 21.93 -2.24
CA VAL A 170 -3.17 22.19 -0.81
C VAL A 170 -2.04 21.35 -0.19
N PRO A 171 -2.08 20.01 -0.34
CA PRO A 171 -1.02 19.20 0.25
C PRO A 171 0.39 19.56 -0.23
N LEU A 172 0.54 19.74 -1.54
CA LEU A 172 1.82 20.08 -2.13
C LEU A 172 2.22 21.48 -1.68
N SER A 173 1.25 22.30 -1.34
CA SER A 173 1.59 23.64 -0.89
C SER A 173 2.31 23.53 0.47
N TYR A 174 2.04 22.46 1.22
CA TYR A 174 2.68 22.27 2.52
C TYR A 174 4.11 21.74 2.31
N ILE A 175 4.26 20.85 1.35
CA ILE A 175 5.56 20.31 1.06
C ILE A 175 6.46 21.43 0.52
N THR A 176 5.90 22.25 -0.36
CA THR A 176 6.63 23.38 -0.96
C THR A 176 7.05 24.37 0.10
N GLY A 177 6.08 24.90 0.84
CA GLY A 177 6.42 25.85 1.88
C GLY A 177 7.57 25.38 2.74
N ALA A 178 7.60 24.10 3.09
CA ALA A 178 8.67 23.56 3.93
C ALA A 178 10.01 23.62 3.20
N LEU A 179 10.04 23.04 2.01
CA LEU A 179 11.26 23.01 1.20
C LEU A 179 11.95 24.37 1.16
N ILE A 180 11.21 25.41 0.79
CA ILE A 180 11.81 26.73 0.69
C ILE A 180 11.90 27.54 1.99
N GLY A 181 11.58 26.92 3.12
CA GLY A 181 11.63 27.62 4.40
C GLY A 181 10.88 28.94 4.48
N LEU A 182 9.81 29.06 3.68
CA LEU A 182 8.96 30.26 3.61
C LEU A 182 8.55 30.87 4.94
N ASP A 183 8.29 30.04 5.95
CA ASP A 183 7.88 30.55 7.25
C ASP A 183 7.94 29.47 8.33
N PRO A 184 7.96 29.88 9.61
CA PRO A 184 8.01 28.91 10.71
C PRO A 184 6.72 28.10 10.92
N SER A 185 5.59 28.63 10.43
CA SER A 185 4.30 27.93 10.58
C SER A 185 4.36 26.57 9.89
N PHE A 186 5.29 26.42 8.96
CA PHE A 186 5.45 25.17 8.25
C PHE A 186 6.35 24.27 9.08
N THR A 187 5.71 23.33 9.77
CA THR A 187 6.43 22.39 10.61
C THR A 187 6.88 21.20 9.78
N VAL A 188 7.89 20.48 10.27
CA VAL A 188 8.42 19.30 9.58
C VAL A 188 8.85 18.29 10.64
N ASP A 189 9.35 17.15 10.17
CA ASP A 189 9.83 16.13 11.08
C ASP A 189 11.27 15.86 10.77
N PHE A 190 12.15 16.36 11.62
CA PHE A 190 13.58 16.18 11.47
C PHE A 190 14.02 14.95 12.26
N ASP A 191 14.17 13.83 11.57
CA ASP A 191 14.57 12.56 12.16
C ASP A 191 14.02 12.16 13.51
N GLY A 192 12.93 12.76 13.96
CA GLY A 192 12.44 12.32 15.25
C GLY A 192 11.56 13.30 15.97
N LYS A 193 11.91 14.58 15.88
CA LYS A 193 11.14 15.60 16.56
C LYS A 193 10.70 16.71 15.65
N GLU A 194 9.73 17.48 16.14
CA GLU A 194 9.16 18.59 15.41
C GLU A 194 9.98 19.88 15.37
N MET A 195 10.33 20.28 14.15
CA MET A 195 11.06 21.50 13.91
C MET A 195 10.26 22.31 12.91
N ASP A 196 10.64 23.58 12.74
CA ASP A 196 9.95 24.38 11.76
C ASP A 196 10.88 24.38 10.55
N ALA A 197 10.33 24.67 9.38
CA ALA A 197 11.10 24.66 8.15
C ALA A 197 12.33 25.56 8.14
N VAL A 198 12.20 26.76 8.68
CA VAL A 198 13.29 27.71 8.71
C VAL A 198 14.47 27.14 9.49
N THR A 199 14.17 26.52 10.63
CA THR A 199 15.19 25.91 11.46
C THR A 199 15.80 24.70 10.76
N ALA A 200 14.98 23.96 10.03
CA ALA A 200 15.47 22.78 9.35
C ALA A 200 16.45 23.13 8.24
N LEU A 201 16.14 24.19 7.50
CA LEU A 201 17.01 24.63 6.41
C LEU A 201 18.35 25.09 6.97
N SER A 202 18.30 25.78 8.12
CA SER A 202 19.52 26.24 8.77
C SER A 202 20.39 25.01 9.04
N ARG A 203 19.86 24.09 9.86
CA ARG A 203 20.59 22.88 10.21
C ARG A 203 21.03 22.07 9.00
N LEU A 204 20.45 22.32 7.84
CA LEU A 204 20.83 21.57 6.65
C LEU A 204 21.82 22.42 5.86
N GLY A 205 22.10 23.61 6.40
CA GLY A 205 23.02 24.53 5.77
C GLY A 205 22.46 24.96 4.40
N LEU A 206 21.13 25.07 4.33
CA LEU A 206 20.43 25.48 3.12
C LEU A 206 19.86 26.91 3.22
N PRO A 207 19.89 27.67 2.10
CA PRO A 207 19.38 29.04 2.02
C PRO A 207 17.88 29.15 1.55
N LYS A 208 17.00 29.75 2.36
CA LYS A 208 15.59 29.82 1.97
C LYS A 208 15.58 30.14 0.48
N LEU A 209 14.55 29.73 -0.23
CA LEU A 209 14.50 30.01 -1.65
C LEU A 209 13.32 30.89 -1.99
N GLN A 210 13.36 31.48 -3.18
CA GLN A 210 12.30 32.36 -3.65
C GLN A 210 11.76 31.83 -4.98
N LEU A 211 10.47 31.51 -4.99
CA LEU A 211 9.84 30.95 -6.19
C LEU A 211 9.92 31.85 -7.41
N GLN A 212 10.39 31.23 -8.48
CA GLN A 212 10.57 31.89 -9.76
C GLN A 212 9.30 31.84 -10.61
N PRO A 213 9.27 32.56 -11.76
CA PRO A 213 8.10 32.59 -12.64
C PRO A 213 7.09 31.44 -12.55
N LYS A 214 7.43 30.30 -13.13
CA LYS A 214 6.55 29.17 -13.12
C LYS A 214 6.60 28.17 -11.98
N GLU A 215 7.70 28.18 -11.27
CA GLU A 215 7.95 27.24 -10.14
C GLU A 215 6.82 26.95 -9.12
N GLY A 216 5.95 27.91 -8.83
CA GLY A 216 4.88 27.56 -7.89
C GLY A 216 3.97 26.47 -8.43
N LEU A 217 3.43 26.71 -9.63
CA LEU A 217 2.54 25.77 -10.31
C LEU A 217 3.25 24.43 -10.53
N ALA A 218 4.53 24.51 -10.88
CA ALA A 218 5.32 23.31 -11.13
C ALA A 218 5.38 22.46 -9.86
N MET A 219 5.49 23.12 -8.71
CA MET A 219 5.55 22.39 -7.45
C MET A 219 4.21 21.87 -6.95
N MET A 220 3.24 22.78 -6.86
CA MET A 220 1.91 22.51 -6.32
C MET A 220 0.78 22.08 -7.25
N ASN A 221 1.09 21.83 -8.51
CA ASN A 221 0.06 21.41 -9.45
C ASN A 221 0.43 19.98 -9.82
N GLY A 222 -0.37 18.99 -9.44
CA GLY A 222 -0.02 17.62 -9.78
C GLY A 222 -0.71 16.53 -9.01
N THR A 223 -0.27 15.29 -9.20
CA THR A 223 -0.91 14.18 -8.51
C THR A 223 0.13 13.35 -7.76
N SER A 224 1.18 14.01 -7.31
CA SER A 224 2.25 13.29 -6.63
C SER A 224 1.92 12.77 -5.24
N VAL A 225 1.13 13.51 -4.47
CA VAL A 225 0.80 13.06 -3.14
C VAL A 225 -0.24 11.95 -3.12
N MET A 226 -1.28 12.04 -3.95
CA MET A 226 -2.29 11.01 -3.94
C MET A 226 -1.71 9.77 -4.62
N THR A 227 -0.82 9.99 -5.57
CA THR A 227 -0.19 8.88 -6.27
C THR A 227 0.89 8.23 -5.42
N GLY A 228 1.38 8.98 -4.43
CA GLY A 228 2.39 8.46 -3.53
C GLY A 228 1.68 7.64 -2.45
N ILE A 229 0.57 8.17 -1.97
CA ILE A 229 -0.22 7.45 -0.98
C ILE A 229 -0.65 6.13 -1.63
N ALA A 230 -0.98 6.22 -2.92
CA ALA A 230 -1.46 5.08 -3.69
C ALA A 230 -0.45 3.99 -3.90
N ALA A 231 0.77 4.36 -4.29
CA ALA A 231 1.83 3.39 -4.53
C ALA A 231 2.03 2.56 -3.27
N ASN A 232 1.98 3.22 -2.12
CA ASN A 232 2.14 2.52 -0.84
C ASN A 232 1.01 1.54 -0.57
N CYS A 233 -0.21 1.87 -0.98
CA CYS A 233 -1.34 0.97 -0.76
C CYS A 233 -1.22 -0.26 -1.67
N VAL A 234 -1.02 -0.04 -2.96
CA VAL A 234 -0.89 -1.14 -3.89
C VAL A 234 0.13 -2.12 -3.34
N TYR A 235 1.27 -1.59 -2.90
CA TYR A 235 2.32 -2.45 -2.37
C TYR A 235 1.78 -3.34 -1.27
N ASP A 236 1.32 -2.69 -0.20
CA ASP A 236 0.76 -3.37 0.94
C ASP A 236 -0.30 -4.37 0.53
N ALA A 237 -1.12 -3.98 -0.45
CA ALA A 237 -2.19 -4.83 -0.93
C ALA A 237 -1.66 -6.10 -1.56
N LYS A 238 -0.58 -5.97 -2.33
CA LYS A 238 0.02 -7.13 -2.97
C LYS A 238 0.58 -8.06 -1.90
N VAL A 239 1.02 -7.46 -0.80
CA VAL A 239 1.55 -8.25 0.28
C VAL A 239 0.41 -9.05 0.92
N LEU A 240 -0.59 -8.35 1.44
CA LEU A 240 -1.76 -8.97 2.07
C LEU A 240 -2.36 -10.04 1.16
N LEU A 241 -2.37 -9.78 -0.13
CA LEU A 241 -2.88 -10.74 -1.08
C LEU A 241 -2.10 -12.06 -0.93
N ALA A 242 -0.78 -11.97 -1.07
CA ALA A 242 0.06 -13.15 -0.94
C ALA A 242 -0.28 -13.85 0.36
N LEU A 243 -0.25 -13.12 1.46
CA LEU A 243 -0.56 -13.69 2.77
C LEU A 243 -1.92 -14.34 2.74
N THR A 244 -2.83 -13.72 2.01
CA THR A 244 -4.18 -14.25 1.86
C THR A 244 -4.06 -15.65 1.28
N MET A 245 -3.27 -15.77 0.22
CA MET A 245 -3.03 -17.06 -0.43
C MET A 245 -2.46 -18.06 0.56
N GLY A 246 -1.63 -17.58 1.48
CA GLY A 246 -1.03 -18.47 2.45
C GLY A 246 -2.04 -18.92 3.48
N VAL A 247 -2.92 -18.01 3.86
CA VAL A 247 -3.94 -18.31 4.84
C VAL A 247 -4.95 -19.34 4.35
N HIS A 248 -5.22 -19.34 3.05
CA HIS A 248 -6.18 -20.32 2.54
C HIS A 248 -5.48 -21.65 2.51
N ALA A 249 -4.20 -21.62 2.15
CA ALA A 249 -3.39 -22.82 2.09
C ALA A 249 -3.50 -23.52 3.47
N LEU A 250 -3.20 -22.78 4.54
CA LEU A 250 -3.32 -23.33 5.89
C LEU A 250 -4.74 -23.82 6.15
N ALA A 251 -5.73 -22.98 5.83
CA ALA A 251 -7.12 -23.35 6.02
C ALA A 251 -7.47 -24.67 5.33
N ILE A 252 -7.14 -24.79 4.05
CA ILE A 252 -7.45 -25.99 3.29
C ILE A 252 -6.85 -27.24 3.92
N GLN A 253 -5.69 -27.08 4.55
CA GLN A 253 -5.05 -28.21 5.20
C GLN A 253 -5.71 -28.50 6.55
N GLY A 254 -6.18 -27.45 7.22
CA GLY A 254 -6.84 -27.64 8.49
C GLY A 254 -8.19 -28.31 8.28
N LEU A 255 -8.73 -28.14 7.07
CA LEU A 255 -10.02 -28.72 6.68
C LEU A 255 -9.87 -30.06 5.97
N TYR A 256 -8.64 -30.44 5.66
CA TYR A 256 -8.39 -31.72 4.99
C TYR A 256 -9.08 -31.72 3.63
N GLY A 257 -9.07 -30.57 2.97
CA GLY A 257 -9.69 -30.46 1.65
C GLY A 257 -8.80 -31.00 0.54
N THR A 258 -9.40 -31.37 -0.57
CA THR A 258 -8.65 -31.90 -1.71
C THR A 258 -7.85 -30.83 -2.44
N ASN A 259 -6.90 -31.26 -3.25
CA ASN A 259 -6.09 -30.33 -4.02
C ASN A 259 -6.49 -30.45 -5.48
N GLN A 260 -7.41 -31.40 -5.75
CA GLN A 260 -7.90 -31.62 -7.10
C GLN A 260 -8.52 -30.36 -7.70
N SER A 261 -9.08 -29.52 -6.85
CA SER A 261 -9.75 -28.29 -7.27
C SER A 261 -8.82 -27.37 -8.05
N PHE A 262 -7.53 -27.52 -7.80
CA PHE A 262 -6.52 -26.71 -8.43
C PHE A 262 -5.75 -27.38 -9.56
N HIS A 263 -6.29 -28.46 -10.08
CA HIS A 263 -5.62 -29.15 -11.18
C HIS A 263 -5.72 -28.26 -12.42
N PRO A 264 -4.59 -28.06 -13.13
CA PRO A 264 -4.48 -27.23 -14.33
C PRO A 264 -5.52 -27.46 -15.42
N PHE A 265 -5.87 -28.72 -15.68
CA PHE A 265 -6.86 -28.97 -16.72
C PHE A 265 -8.04 -28.04 -16.53
N ILE A 266 -8.66 -28.11 -15.35
CA ILE A 266 -9.81 -27.29 -14.98
C ILE A 266 -9.63 -25.84 -15.41
N HIS A 267 -8.57 -25.23 -14.90
CA HIS A 267 -8.25 -23.85 -15.16
C HIS A 267 -7.73 -23.54 -16.56
N GLN A 268 -7.47 -24.58 -17.35
CA GLN A 268 -7.00 -24.38 -18.71
C GLN A 268 -8.22 -24.45 -19.61
N CYS A 269 -9.38 -24.65 -19.00
CA CYS A 269 -10.64 -24.73 -19.73
C CYS A 269 -11.37 -23.40 -19.54
N LYS A 270 -10.88 -22.65 -18.57
CA LYS A 270 -11.40 -21.34 -18.21
C LYS A 270 -10.11 -20.56 -17.93
N PRO A 271 -9.29 -20.35 -18.97
CA PRO A 271 -8.01 -19.66 -18.95
C PRO A 271 -7.95 -18.17 -18.61
N HIS A 272 -8.57 -17.76 -17.51
CA HIS A 272 -8.43 -16.37 -17.15
C HIS A 272 -7.04 -16.35 -16.55
N PRO A 273 -6.17 -15.45 -17.02
CA PRO A 273 -4.82 -15.42 -16.45
C PRO A 273 -4.77 -15.33 -14.92
N GLY A 274 -5.76 -14.68 -14.32
CA GLY A 274 -5.77 -14.54 -12.87
C GLY A 274 -6.07 -15.86 -12.19
N GLN A 275 -7.04 -16.57 -12.74
CA GLN A 275 -7.46 -17.86 -12.21
C GLN A 275 -6.30 -18.85 -12.41
N LEU A 276 -5.72 -18.83 -13.60
CA LEU A 276 -4.58 -19.68 -13.95
C LEU A 276 -3.49 -19.54 -12.94
N TRP A 277 -3.20 -18.29 -12.59
CA TRP A 277 -2.15 -18.00 -11.64
C TRP A 277 -2.45 -18.47 -10.23
N THR A 278 -3.68 -18.23 -9.79
CA THR A 278 -4.10 -18.60 -8.44
C THR A 278 -4.16 -20.09 -8.23
N ALA A 279 -4.71 -20.82 -9.19
CA ALA A 279 -4.80 -22.26 -9.07
C ALA A 279 -3.37 -22.80 -8.95
N ASP A 280 -2.51 -22.38 -9.87
CA ASP A 280 -1.12 -22.81 -9.89
C ASP A 280 -0.41 -22.53 -8.57
N GLN A 281 -0.50 -21.31 -8.06
CA GLN A 281 0.12 -20.96 -6.80
C GLN A 281 -0.43 -21.75 -5.63
N MET A 282 -1.62 -22.28 -5.79
CA MET A 282 -2.27 -23.05 -4.72
C MET A 282 -1.82 -24.50 -4.83
N PHE A 283 -1.70 -24.98 -6.07
CA PHE A 283 -1.24 -26.33 -6.30
C PHE A 283 0.15 -26.45 -5.66
N SER A 284 0.98 -25.44 -5.85
CA SER A 284 2.33 -25.47 -5.30
C SER A 284 2.36 -25.25 -3.81
N LEU A 285 1.50 -24.35 -3.33
CA LEU A 285 1.51 -24.10 -1.92
C LEU A 285 1.10 -25.34 -1.13
N LEU A 286 0.47 -26.31 -1.78
CA LEU A 286 0.00 -27.51 -1.07
C LEU A 286 0.87 -28.73 -1.39
N LYS A 287 1.94 -28.48 -2.13
CA LYS A 287 2.86 -29.51 -2.52
C LYS A 287 3.40 -30.35 -1.39
N ASP A 288 3.27 -31.66 -1.59
CA ASP A 288 3.73 -32.70 -0.66
C ASP A 288 3.16 -32.54 0.72
N SER A 289 1.87 -32.22 0.77
CA SER A 289 1.17 -32.00 2.02
C SER A 289 0.55 -33.28 2.55
N SER A 290 0.59 -33.45 3.87
CA SER A 290 0.03 -34.64 4.50
C SER A 290 -1.29 -34.36 5.18
N LEU A 291 -1.64 -33.08 5.28
CA LEU A 291 -2.89 -32.70 5.92
C LEU A 291 -4.03 -32.55 4.94
N VAL A 292 -3.72 -32.60 3.66
CA VAL A 292 -4.71 -32.48 2.59
C VAL A 292 -5.00 -33.85 1.99
N ARG A 293 -6.26 -34.16 1.69
CA ARG A 293 -6.55 -35.46 1.10
C ARG A 293 -6.08 -35.47 -0.35
N GLU A 294 -5.59 -36.63 -0.79
CA GLU A 294 -5.07 -36.74 -2.14
C GLU A 294 -6.06 -37.39 -3.11
N GLU A 295 -6.32 -36.72 -4.23
CA GLU A 295 -7.23 -37.26 -5.24
C GLU A 295 -6.84 -36.80 -6.63
N GLN A 309 -17.52 -32.50 -2.90
CA GLN A 309 -17.39 -32.77 -1.45
C GLN A 309 -16.98 -31.50 -0.69
N ASP A 310 -16.05 -30.74 -1.26
CA ASP A 310 -15.59 -29.50 -0.62
C ASP A 310 -16.51 -28.34 -0.97
N ARG A 311 -16.72 -27.45 -0.01
CA ARG A 311 -17.58 -26.29 -0.24
C ARG A 311 -16.97 -25.39 -1.30
N TYR A 312 -17.74 -24.43 -1.77
CA TYR A 312 -17.27 -23.53 -2.81
C TYR A 312 -16.12 -22.64 -2.38
N SER A 313 -16.04 -22.30 -1.11
CA SER A 313 -14.95 -21.44 -0.67
C SER A 313 -13.60 -22.10 -0.90
N LEU A 314 -13.61 -23.41 -1.10
CA LEU A 314 -12.37 -24.15 -1.37
C LEU A 314 -12.32 -24.56 -2.85
N ARG A 315 -13.40 -25.13 -3.35
CA ARG A 315 -13.49 -25.59 -4.74
C ARG A 315 -13.48 -24.48 -5.79
N CYS A 316 -13.98 -23.29 -5.45
CA CYS A 316 -14.01 -22.20 -6.42
C CYS A 316 -13.03 -21.07 -6.06
N LEU A 317 -12.16 -21.35 -5.11
CA LEU A 317 -11.16 -20.40 -4.66
C LEU A 317 -10.40 -19.66 -5.77
N ALA A 318 -9.88 -20.40 -6.76
CA ALA A 318 -9.12 -19.79 -7.87
C ALA A 318 -10.00 -18.88 -8.71
N GLN A 319 -11.15 -19.41 -9.11
CA GLN A 319 -12.11 -18.65 -9.90
C GLN A 319 -12.52 -17.38 -9.16
N PHE A 320 -12.69 -17.48 -7.84
CA PHE A 320 -13.06 -16.31 -7.05
C PHE A 320 -11.92 -15.30 -6.95
N ILE A 321 -10.76 -15.77 -6.50
CA ILE A 321 -9.58 -14.91 -6.35
C ILE A 321 -9.09 -14.33 -7.68
N GLY A 322 -9.26 -15.08 -8.76
CA GLY A 322 -8.84 -14.65 -10.07
C GLY A 322 -9.04 -13.19 -10.44
N PRO A 323 -10.28 -12.69 -10.50
CA PRO A 323 -10.52 -11.28 -10.87
C PRO A 323 -9.80 -10.26 -10.00
N ILE A 324 -9.58 -10.63 -8.75
CA ILE A 324 -8.93 -9.77 -7.79
C ILE A 324 -7.43 -9.72 -8.07
N VAL A 325 -6.89 -10.85 -8.47
CA VAL A 325 -5.47 -10.93 -8.78
C VAL A 325 -5.21 -10.15 -10.05
N ASP A 326 -6.12 -10.27 -11.01
CA ASP A 326 -6.00 -9.56 -12.28
C ASP A 326 -6.25 -8.08 -12.07
N GLY A 327 -7.26 -7.76 -11.26
CA GLY A 327 -7.58 -6.37 -11.00
C GLY A 327 -6.42 -5.65 -10.34
N VAL A 328 -5.78 -6.34 -9.40
CA VAL A 328 -4.66 -5.76 -8.68
C VAL A 328 -3.43 -5.55 -9.56
N SER A 329 -3.28 -6.34 -10.62
CA SER A 329 -2.13 -6.14 -11.50
C SER A 329 -2.43 -4.95 -12.41
N GLU A 330 -3.69 -4.85 -12.86
CA GLU A 330 -4.12 -3.74 -13.72
C GLU A 330 -3.82 -2.45 -12.98
N ILE A 331 -4.32 -2.36 -11.76
CA ILE A 331 -4.11 -1.21 -10.90
C ILE A 331 -2.63 -0.85 -10.84
N THR A 332 -1.82 -1.80 -10.39
CA THR A 332 -0.39 -1.60 -10.27
C THR A 332 0.19 -0.93 -11.51
N LYS A 333 -0.06 -1.53 -12.66
CA LYS A 333 0.40 -1.01 -13.94
C LYS A 333 -0.04 0.42 -14.19
N GLN A 334 -1.28 0.73 -13.83
CA GLN A 334 -1.83 2.07 -14.02
C GLN A 334 -1.23 3.07 -13.05
N ILE A 335 -0.92 2.61 -11.84
CA ILE A 335 -0.33 3.51 -10.85
C ILE A 335 1.11 3.83 -11.23
N GLU A 336 1.82 2.85 -11.77
CA GLU A 336 3.21 3.07 -12.17
C GLU A 336 3.27 4.15 -13.25
N VAL A 337 2.30 4.12 -14.16
CA VAL A 337 2.23 5.10 -15.24
C VAL A 337 1.94 6.51 -14.69
N GLU A 338 1.15 6.60 -13.63
CA GLU A 338 0.86 7.92 -13.04
C GLU A 338 2.15 8.37 -12.39
N MET A 339 2.81 7.43 -11.74
CA MET A 339 4.05 7.67 -11.02
C MET A 339 5.15 8.26 -11.90
N ASN A 340 5.14 7.91 -13.19
CA ASN A 340 6.15 8.39 -14.10
C ASN A 340 5.54 9.31 -15.14
N SER A 341 4.63 10.18 -14.70
CA SER A 341 4.01 11.11 -15.61
C SER A 341 4.34 12.50 -15.15
N VAL A 342 4.13 13.47 -16.04
CA VAL A 342 4.35 14.87 -15.71
C VAL A 342 2.93 15.38 -15.49
N THR A 343 2.68 15.89 -14.28
CA THR A 343 1.34 16.34 -13.95
C THR A 343 1.17 17.81 -13.59
N ASP A 344 2.23 18.61 -13.62
CA ASP A 344 2.06 20.02 -13.30
C ASP A 344 1.57 20.70 -14.58
N ASN A 345 1.28 22.00 -14.50
CA ASN A 345 0.78 22.69 -15.66
C ASN A 345 1.12 24.20 -15.62
N PRO A 346 1.43 24.79 -16.79
CA PRO A 346 1.29 24.21 -18.14
C PRO A 346 2.54 23.33 -18.43
N LEU A 347 2.54 22.66 -19.57
CA LEU A 347 3.67 21.81 -19.90
C LEU A 347 4.54 22.51 -20.92
N ILE A 348 5.84 22.53 -20.67
CA ILE A 348 6.78 23.19 -21.56
C ILE A 348 7.36 22.25 -22.61
N ASP A 349 7.05 22.53 -23.88
CA ASP A 349 7.57 21.71 -24.95
C ASP A 349 8.74 22.49 -25.56
N VAL A 350 9.93 22.28 -24.99
CA VAL A 350 11.15 22.96 -25.45
C VAL A 350 11.48 22.69 -26.93
N GLU A 351 11.25 21.45 -27.36
CA GLU A 351 11.54 21.06 -28.72
C GLU A 351 10.80 21.85 -29.79
N ASN A 352 9.68 22.46 -29.42
CA ASN A 352 8.91 23.22 -30.37
C ASN A 352 8.66 24.60 -29.83
N GLN A 353 9.42 24.93 -28.80
CA GLN A 353 9.31 26.22 -28.13
C GLN A 353 7.84 26.66 -28.02
N VAL A 354 7.12 26.00 -27.12
CA VAL A 354 5.72 26.30 -26.93
C VAL A 354 5.25 25.58 -25.68
N SER A 355 4.29 26.17 -24.99
CA SER A 355 3.75 25.58 -23.78
C SER A 355 2.27 25.27 -24.03
N TYR A 356 1.74 24.27 -23.33
CA TYR A 356 0.34 23.91 -23.50
C TYR A 356 -0.39 23.94 -22.18
N HIS A 357 -1.67 24.29 -22.23
CA HIS A 357 -2.48 24.37 -21.02
C HIS A 357 -3.51 23.24 -21.05
N GLY A 358 -3.22 22.17 -20.33
CA GLY A 358 -4.11 21.03 -20.29
C GLY A 358 -4.42 20.61 -18.87
N GLY A 359 -4.70 19.32 -18.66
CA GLY A 359 -5.04 18.90 -17.32
C GLY A 359 -4.57 17.54 -16.88
N ASN A 360 -3.27 17.30 -16.95
CA ASN A 360 -2.70 16.04 -16.52
C ASN A 360 -2.65 16.06 -14.98
N PHE A 361 -3.28 17.07 -14.40
CA PHE A 361 -3.31 17.17 -12.94
C PHE A 361 -4.55 16.50 -12.36
N LEU A 362 -5.39 15.91 -13.20
CA LEU A 362 -6.56 15.20 -12.70
C LEU A 362 -6.14 13.76 -12.43
N GLY A 363 -6.10 13.37 -11.16
CA GLY A 363 -5.70 12.01 -10.83
C GLY A 363 -6.81 11.00 -10.95
N GLN A 364 -7.51 11.01 -12.07
CA GLN A 364 -8.61 10.10 -12.28
C GLN A 364 -8.24 8.64 -12.13
N TYR A 365 -7.06 8.28 -12.61
CA TYR A 365 -6.63 6.90 -12.50
C TYR A 365 -6.42 6.47 -11.07
N VAL A 366 -6.00 7.41 -10.21
CA VAL A 366 -5.76 7.10 -8.80
C VAL A 366 -7.08 6.96 -8.04
N GLY A 367 -8.04 7.83 -8.32
CA GLY A 367 -9.32 7.75 -7.64
C GLY A 367 -10.11 6.51 -8.03
N VAL A 368 -10.12 6.21 -9.33
CA VAL A 368 -10.83 5.05 -9.84
C VAL A 368 -10.15 3.78 -9.35
N THR A 369 -8.83 3.78 -9.45
CA THR A 369 -7.98 2.67 -9.05
C THR A 369 -8.08 2.37 -7.56
N MET A 370 -8.02 3.39 -6.72
CA MET A 370 -8.12 3.15 -5.28
C MET A 370 -9.51 2.64 -4.91
N ASP A 371 -10.55 3.16 -5.58
CA ASP A 371 -11.92 2.70 -5.34
C ASP A 371 -11.95 1.17 -5.51
N ARG A 372 -11.58 0.71 -6.71
CA ARG A 372 -11.52 -0.72 -7.01
C ARG A 372 -10.75 -1.53 -5.95
N LEU A 373 -9.57 -1.05 -5.59
CA LEU A 373 -8.72 -1.73 -4.61
C LEU A 373 -9.46 -1.97 -3.29
N ARG A 374 -10.11 -0.94 -2.74
CA ARG A 374 -10.87 -1.14 -1.49
C ARG A 374 -11.95 -2.20 -1.74
N TYR A 375 -12.53 -2.17 -2.93
CA TYR A 375 -13.56 -3.14 -3.29
C TYR A 375 -12.96 -4.55 -3.34
N TYR A 376 -11.72 -4.71 -3.82
CA TYR A 376 -11.12 -6.06 -3.84
C TYR A 376 -10.76 -6.51 -2.43
N ILE A 377 -10.31 -5.57 -1.62
CA ILE A 377 -9.95 -5.90 -0.24
C ILE A 377 -11.20 -6.48 0.45
N GLY A 378 -12.32 -5.77 0.31
CA GLY A 378 -13.56 -6.23 0.91
C GLY A 378 -13.93 -7.62 0.45
N LEU A 379 -13.67 -7.94 -0.81
CA LEU A 379 -13.99 -9.28 -1.31
C LEU A 379 -13.08 -10.31 -0.68
N LEU A 380 -11.78 -10.04 -0.72
CA LEU A 380 -10.85 -10.98 -0.14
C LEU A 380 -11.23 -11.33 1.27
N ALA A 381 -11.41 -10.30 2.10
CA ALA A 381 -11.73 -10.51 3.50
C ALA A 381 -13.02 -11.30 3.75
N LYS A 382 -14.07 -10.98 3.01
CA LYS A 382 -15.30 -11.72 3.22
C LYS A 382 -15.13 -13.20 2.83
N HIS A 383 -14.26 -13.49 1.86
CA HIS A 383 -14.02 -14.86 1.44
C HIS A 383 -13.26 -15.58 2.57
N ILE A 384 -12.34 -14.86 3.19
CA ILE A 384 -11.57 -15.43 4.29
C ILE A 384 -12.49 -15.75 5.47
N ASP A 385 -13.34 -14.79 5.83
CA ASP A 385 -14.27 -14.96 6.95
C ASP A 385 -15.12 -16.22 6.81
N VAL A 386 -15.41 -16.59 5.57
CA VAL A 386 -16.20 -17.76 5.26
C VAL A 386 -15.39 -19.04 5.54
N GLN A 387 -14.07 -18.96 5.37
CA GLN A 387 -13.20 -20.09 5.65
C GLN A 387 -13.23 -20.31 7.15
N ILE A 388 -12.92 -19.25 7.90
CA ILE A 388 -12.92 -19.32 9.34
C ILE A 388 -14.25 -19.96 9.79
N ALA A 389 -15.36 -19.48 9.26
CA ALA A 389 -16.68 -20.03 9.60
C ALA A 389 -16.69 -21.55 9.57
N LEU A 390 -16.20 -22.14 8.49
CA LEU A 390 -16.15 -23.59 8.40
C LEU A 390 -15.27 -24.19 9.48
N LEU A 391 -14.12 -23.55 9.72
CA LEU A 391 -13.19 -24.06 10.71
C LEU A 391 -13.77 -24.19 12.11
N VAL A 392 -14.43 -23.15 12.56
CA VAL A 392 -14.98 -23.11 13.90
C VAL A 392 -16.17 -24.01 14.14
N SER A 393 -16.84 -24.44 13.07
CA SER A 393 -18.02 -25.27 13.20
C SER A 393 -17.79 -26.76 13.02
N PRO A 394 -18.03 -27.55 14.08
CA PRO A 394 -17.84 -29.00 14.02
C PRO A 394 -18.64 -29.67 12.90
N GLU A 395 -19.78 -29.07 12.56
CA GLU A 395 -20.63 -29.57 11.50
C GLU A 395 -20.00 -29.43 10.12
N PHE A 396 -19.17 -28.40 9.95
CA PHE A 396 -18.50 -28.13 8.66
C PHE A 396 -16.98 -28.28 8.67
N SER A 397 -16.33 -28.24 9.84
CA SER A 397 -14.87 -28.32 9.88
C SER A 397 -14.24 -29.68 9.61
N ASN A 398 -15.07 -30.71 9.43
CA ASN A 398 -14.57 -32.06 9.17
C ASN A 398 -13.85 -32.66 10.36
N GLY A 399 -14.44 -32.57 11.53
CA GLY A 399 -13.80 -33.17 12.70
C GLY A 399 -13.06 -32.30 13.69
N LEU A 400 -12.80 -31.05 13.33
CA LEU A 400 -12.08 -30.18 14.24
C LEU A 400 -12.92 -29.83 15.47
N PRO A 401 -12.26 -29.50 16.58
CA PRO A 401 -13.00 -29.15 17.79
C PRO A 401 -13.77 -27.86 17.55
N PRO A 402 -14.92 -27.71 18.21
CA PRO A 402 -15.69 -26.48 18.03
C PRO A 402 -14.89 -25.27 18.45
N SER A 403 -14.77 -24.30 17.54
CA SER A 403 -14.05 -23.07 17.81
C SER A 403 -12.56 -23.28 18.01
N LEU A 404 -12.09 -24.42 17.49
CA LEU A 404 -10.69 -24.76 17.57
C LEU A 404 -10.20 -24.68 19.02
N VAL A 405 -11.02 -25.17 19.95
CA VAL A 405 -10.66 -25.18 21.36
C VAL A 405 -9.43 -26.09 21.49
N GLY A 406 -8.50 -25.76 22.39
CA GLY A 406 -7.32 -26.59 22.50
C GLY A 406 -7.32 -27.67 23.56
N ASN A 407 -7.61 -27.28 24.79
CA ASN A 407 -7.62 -28.21 25.90
C ASN A 407 -9.03 -28.59 26.31
N SER A 408 -9.54 -29.61 25.64
CA SER A 408 -10.86 -30.12 25.89
C SER A 408 -10.99 -30.65 27.33
N ASP A 409 -9.85 -31.00 27.94
CA ASP A 409 -9.82 -31.50 29.32
C ASP A 409 -10.53 -30.48 30.21
N ARG A 410 -10.08 -29.23 30.12
CA ARG A 410 -10.69 -28.16 30.91
C ARG A 410 -11.98 -27.82 30.15
N LYS A 411 -13.08 -27.79 30.87
CA LYS A 411 -14.39 -27.51 30.26
C LYS A 411 -14.70 -26.03 30.08
N VAL A 412 -14.02 -25.16 30.82
CA VAL A 412 -14.27 -23.74 30.68
C VAL A 412 -13.72 -23.19 29.36
N ASN A 413 -12.73 -23.87 28.79
CA ASN A 413 -12.14 -23.39 27.53
C ASN A 413 -13.13 -23.28 26.38
N MET A 414 -13.15 -22.11 25.75
CA MET A 414 -14.02 -21.81 24.62
C MET A 414 -13.24 -21.70 23.32
N GLY A 415 -11.91 -21.65 23.42
CA GLY A 415 -11.11 -21.56 22.21
C GLY A 415 -11.18 -20.20 21.54
N LEU A 416 -11.05 -20.21 20.22
CA LEU A 416 -11.07 -18.98 19.42
C LEU A 416 -12.46 -18.42 19.10
N LYS A 417 -13.45 -18.71 19.93
CA LYS A 417 -14.78 -18.19 19.68
C LYS A 417 -14.80 -16.66 19.79
N GLY A 418 -13.96 -16.11 20.65
CA GLY A 418 -13.94 -14.67 20.82
C GLY A 418 -13.18 -14.01 19.70
N LEU A 419 -12.22 -14.74 19.16
CA LEU A 419 -11.40 -14.24 18.09
C LEU A 419 -12.22 -14.20 16.81
N GLN A 420 -13.15 -15.14 16.64
CA GLN A 420 -14.00 -15.14 15.44
C GLN A 420 -14.98 -13.96 15.44
N ILE A 421 -15.55 -13.67 16.61
CA ILE A 421 -16.49 -12.57 16.75
C ILE A 421 -15.79 -11.27 16.44
N SER A 422 -14.52 -11.21 16.80
CA SER A 422 -13.69 -10.06 16.55
C SER A 422 -13.50 -9.87 15.04
N GLY A 423 -13.24 -10.98 14.33
CA GLY A 423 -13.06 -10.93 12.89
C GLY A 423 -14.41 -10.70 12.20
N ASN A 424 -15.47 -11.09 12.87
CA ASN A 424 -16.82 -10.92 12.35
C ASN A 424 -17.20 -9.45 12.39
N SER A 425 -16.49 -8.67 13.20
CA SER A 425 -16.82 -7.26 13.31
C SER A 425 -15.97 -6.42 12.38
N ILE A 426 -14.89 -7.01 11.89
CA ILE A 426 -13.96 -6.31 11.02
C ILE A 426 -14.31 -6.54 9.56
N MET A 427 -14.63 -7.76 9.22
CA MET A 427 -14.93 -8.05 7.84
C MET A 427 -16.03 -7.18 7.22
N PRO A 428 -17.15 -6.97 7.93
CA PRO A 428 -18.22 -6.12 7.36
C PRO A 428 -17.71 -4.70 7.11
N LEU A 429 -16.89 -4.20 8.04
CA LEU A 429 -16.33 -2.87 7.90
C LEU A 429 -15.51 -2.77 6.63
N LEU A 430 -14.78 -3.84 6.32
CA LEU A 430 -13.98 -3.85 5.10
C LEU A 430 -14.89 -3.73 3.87
N SER A 431 -15.99 -4.47 3.84
CA SER A 431 -16.94 -4.37 2.73
C SER A 431 -17.53 -2.95 2.72
N PHE A 432 -17.76 -2.41 3.91
CA PHE A 432 -18.29 -1.07 3.99
C PHE A 432 -17.34 -0.10 3.32
N TYR A 433 -16.03 -0.32 3.53
CA TYR A 433 -15.07 0.58 2.91
C TYR A 433 -14.94 0.32 1.44
N GLY A 434 -15.57 -0.76 0.98
CA GLY A 434 -15.55 -1.13 -0.43
C GLY A 434 -16.43 -0.26 -1.31
N ASN A 435 -17.14 0.67 -0.68
CA ASN A 435 -17.98 1.60 -1.40
C ASN A 435 -17.04 2.60 -2.06
N SER A 436 -17.51 3.21 -3.12
CA SER A 436 -16.73 4.14 -3.92
C SER A 436 -16.86 5.57 -3.50
N LEU A 437 -15.99 6.41 -4.07
CA LEU A 437 -16.00 7.84 -3.79
C LEU A 437 -15.85 8.66 -5.08
N ALA A 438 -15.19 8.09 -6.08
CA ALA A 438 -14.97 8.78 -7.37
C ALA A 438 -16.27 9.26 -8.03
N ASP A 439 -17.36 8.55 -7.75
CA ASP A 439 -18.67 8.87 -8.31
C ASP A 439 -19.36 9.99 -7.54
N ARG A 440 -18.87 10.30 -6.33
CA ARG A 440 -19.49 11.35 -5.53
C ARG A 440 -18.79 12.70 -5.63
N PHE A 441 -18.05 12.97 -6.70
CA PHE A 441 -17.37 14.26 -6.83
C PHE A 441 -18.32 15.44 -6.94
N PRO A 442 -18.00 16.56 -6.25
CA PRO A 442 -18.81 17.80 -6.24
C PRO A 442 -18.65 18.63 -7.51
N THR A 443 -19.75 18.81 -8.23
CA THR A 443 -19.72 19.54 -9.50
C THR A 443 -19.64 21.05 -9.38
N HIS A 444 -19.89 21.56 -8.19
CA HIS A 444 -19.84 22.99 -7.94
C HIS A 444 -18.46 23.47 -7.45
N ALA A 445 -17.53 22.54 -7.24
CA ALA A 445 -16.20 22.84 -6.72
C ALA A 445 -15.38 23.96 -7.35
N GLU A 446 -14.66 24.70 -6.50
CA GLU A 446 -13.80 25.82 -6.87
C GLU A 446 -14.47 26.74 -7.88
N GLN A 447 -15.42 27.54 -7.40
CA GLN A 447 -16.13 28.48 -8.25
C GLN A 447 -16.66 27.88 -9.55
N PHE A 448 -17.00 26.59 -9.52
CA PHE A 448 -17.55 25.92 -10.67
C PHE A 448 -16.55 25.67 -11.79
N ASN A 449 -15.28 25.95 -11.55
CA ASN A 449 -14.27 25.75 -12.59
C ASN A 449 -13.83 24.30 -12.64
N GLN A 450 -13.91 23.65 -11.49
CA GLN A 450 -13.54 22.25 -11.35
C GLN A 450 -14.83 21.47 -11.27
N ASN A 451 -15.66 21.64 -12.30
CA ASN A 451 -16.95 20.97 -12.38
C ASN A 451 -16.77 19.45 -12.43
N ILE A 452 -15.54 18.99 -12.64
CA ILE A 452 -15.25 17.56 -12.56
C ILE A 452 -13.92 17.47 -11.82
N ASN A 453 -13.80 16.47 -10.96
CA ASN A 453 -12.59 16.20 -10.17
C ASN A 453 -12.52 14.70 -9.85
N SER A 454 -11.34 14.22 -9.52
CA SER A 454 -11.11 12.78 -9.27
C SER A 454 -11.38 12.20 -7.88
N GLN A 455 -11.29 13.03 -6.84
CA GLN A 455 -11.49 12.56 -5.47
C GLN A 455 -10.36 11.59 -5.13
N GLY A 456 -9.34 11.61 -5.99
CA GLY A 456 -8.19 10.74 -5.86
C GLY A 456 -7.52 10.76 -4.50
N TYR A 457 -7.36 11.95 -3.95
CA TYR A 457 -6.70 12.15 -2.66
C TYR A 457 -7.41 11.47 -1.49
N ILE A 458 -8.71 11.74 -1.33
CA ILE A 458 -9.40 11.13 -0.23
C ILE A 458 -9.60 9.66 -0.54
N SER A 459 -9.90 9.36 -1.79
CA SER A 459 -10.08 7.98 -2.14
C SER A 459 -8.82 7.20 -1.77
N ALA A 460 -7.66 7.80 -1.98
CA ALA A 460 -6.38 7.18 -1.63
C ALA A 460 -6.27 6.95 -0.13
N ASN A 461 -6.63 7.98 0.63
CA ASN A 461 -6.60 7.88 2.08
C ASN A 461 -7.54 6.80 2.57
N LEU A 462 -8.70 6.68 1.93
CA LEU A 462 -9.65 5.65 2.29
C LEU A 462 -9.05 4.27 2.08
N THR A 463 -8.35 4.08 0.97
CA THR A 463 -7.76 2.79 0.72
C THR A 463 -6.65 2.54 1.76
N ARG A 464 -6.04 3.59 2.28
CA ARG A 464 -5.00 3.40 3.29
C ARG A 464 -5.68 2.93 4.58
N ARG A 465 -6.86 3.48 4.90
CA ARG A 465 -7.57 3.03 6.10
C ARG A 465 -8.00 1.56 5.97
N SER A 466 -8.31 1.12 4.75
CA SER A 466 -8.70 -0.27 4.53
C SER A 466 -7.52 -1.20 4.75
N VAL A 467 -6.41 -0.92 4.07
CA VAL A 467 -5.19 -1.74 4.18
C VAL A 467 -4.84 -1.90 5.66
N ASP A 468 -4.88 -0.82 6.40
CA ASP A 468 -4.57 -0.88 7.82
C ASP A 468 -5.45 -1.84 8.57
N ILE A 469 -6.76 -1.75 8.33
CA ILE A 469 -7.70 -2.63 9.00
C ILE A 469 -7.53 -4.06 8.52
N PHE A 470 -7.35 -4.23 7.23
CA PHE A 470 -7.14 -5.56 6.65
C PHE A 470 -5.85 -6.19 7.17
N GLN A 471 -4.90 -5.37 7.66
CA GLN A 471 -3.66 -5.93 8.21
C GLN A 471 -4.02 -6.56 9.55
N ASN A 472 -4.97 -5.95 10.25
CA ASN A 472 -5.43 -6.47 11.52
C ASN A 472 -6.19 -7.73 11.29
N TYR A 473 -7.04 -7.71 10.26
CA TYR A 473 -7.85 -8.85 9.91
C TYR A 473 -7.00 -10.05 9.58
N MET A 474 -5.99 -9.86 8.74
CA MET A 474 -5.08 -10.96 8.36
C MET A 474 -4.42 -11.60 9.57
N ALA A 475 -4.20 -10.79 10.60
CA ALA A 475 -3.54 -11.30 11.80
C ALA A 475 -4.50 -12.31 12.41
N ILE A 476 -5.75 -11.92 12.52
CA ILE A 476 -6.76 -12.81 13.08
C ILE A 476 -6.90 -14.08 12.25
N ALA A 477 -6.85 -13.96 10.92
CA ALA A 477 -6.96 -15.14 10.06
C ALA A 477 -5.76 -16.05 10.27
N LEU A 478 -4.54 -15.50 10.16
CA LEU A 478 -3.32 -16.30 10.34
C LEU A 478 -3.40 -17.11 11.62
N MET A 479 -3.87 -16.47 12.69
CA MET A 479 -4.01 -17.12 13.97
C MET A 479 -4.93 -18.34 13.88
N PHE A 480 -6.03 -18.21 13.15
CA PHE A 480 -6.98 -19.31 12.99
C PHE A 480 -6.40 -20.49 12.23
N GLY A 481 -5.60 -20.20 11.21
CA GLY A 481 -5.03 -21.27 10.42
C GLY A 481 -3.91 -22.01 11.11
N VAL A 482 -3.19 -21.31 11.98
CA VAL A 482 -2.08 -21.92 12.70
C VAL A 482 -2.67 -22.88 13.72
N GLN A 483 -3.73 -22.45 14.39
CA GLN A 483 -4.38 -23.29 15.36
C GLN A 483 -5.05 -24.49 14.66
N ALA A 484 -5.63 -24.24 13.50
CA ALA A 484 -6.32 -25.31 12.76
C ALA A 484 -5.44 -26.44 12.31
N VAL A 485 -4.28 -26.12 11.74
CA VAL A 485 -3.39 -27.17 11.25
C VAL A 485 -2.78 -27.95 12.41
N ASP A 486 -2.61 -27.31 13.56
CA ASP A 486 -2.07 -28.00 14.72
C ASP A 486 -3.11 -29.05 15.12
N LEU A 487 -4.34 -28.60 15.37
CA LEU A 487 -5.44 -29.50 15.75
C LEU A 487 -5.80 -30.54 14.70
N ARG A 488 -5.48 -30.27 13.44
CA ARG A 488 -5.74 -31.24 12.39
C ARG A 488 -4.67 -32.31 12.47
N THR A 489 -3.43 -31.86 12.70
CA THR A 489 -2.30 -32.77 12.80
C THR A 489 -2.55 -33.77 13.93
N TYR A 490 -2.93 -33.25 15.10
CA TYR A 490 -3.21 -34.09 16.24
C TYR A 490 -4.32 -35.11 15.97
N LYS A 491 -5.34 -34.70 15.22
CA LYS A 491 -6.43 -35.62 14.93
C LYS A 491 -5.93 -36.73 14.01
N MET A 492 -4.91 -36.44 13.21
CA MET A 492 -4.41 -37.46 12.29
C MET A 492 -3.22 -38.24 12.84
N LYS A 493 -2.28 -37.55 13.48
CA LYS A 493 -1.07 -38.18 13.97
C LYS A 493 -0.96 -38.40 15.47
N GLY A 494 -1.69 -37.63 16.26
CA GLY A 494 -1.61 -37.80 17.70
C GLY A 494 -0.71 -36.79 18.41
N HIS A 495 -0.10 -35.90 17.63
CA HIS A 495 0.78 -34.87 18.19
C HIS A 495 0.47 -33.51 17.56
N TYR A 496 0.91 -32.44 18.21
CA TYR A 496 0.64 -31.11 17.69
C TYR A 496 1.76 -30.44 16.91
N ASP A 497 2.67 -31.21 16.31
CA ASP A 497 3.76 -30.63 15.54
C ASP A 497 3.36 -30.60 14.06
N ALA A 498 2.65 -29.55 13.66
CA ALA A 498 2.17 -29.38 12.30
C ALA A 498 3.27 -29.44 11.23
N ARG A 499 4.47 -29.01 11.59
CA ARG A 499 5.59 -28.98 10.65
C ARG A 499 5.92 -30.34 10.01
N THR A 500 5.59 -31.40 10.74
CA THR A 500 5.83 -32.77 10.28
C THR A 500 4.85 -33.18 9.19
N CYS A 501 3.80 -32.38 8.98
CA CYS A 501 2.79 -32.71 7.99
C CYS A 501 2.43 -31.60 7.01
N LEU A 502 2.74 -30.36 7.37
CA LEU A 502 2.45 -29.22 6.48
C LEU A 502 3.28 -29.26 5.23
N SER A 503 2.74 -28.71 4.15
CA SER A 503 3.48 -28.66 2.90
C SER A 503 4.63 -27.69 3.17
N PRO A 504 5.83 -28.00 2.64
CA PRO A 504 6.99 -27.13 2.84
C PRO A 504 6.77 -25.64 2.62
N ASN A 505 5.97 -25.30 1.61
CA ASN A 505 5.69 -23.89 1.31
C ASN A 505 4.91 -23.15 2.38
N THR A 506 4.03 -23.86 3.08
CA THR A 506 3.23 -23.24 4.13
C THR A 506 3.93 -23.35 5.48
N VAL A 507 4.99 -24.18 5.53
CA VAL A 507 5.74 -24.37 6.76
C VAL A 507 6.46 -23.09 7.15
N GLN A 508 7.00 -22.42 6.15
CA GLN A 508 7.71 -21.16 6.35
C GLN A 508 6.80 -20.13 6.98
N LEU A 509 5.61 -19.94 6.41
CA LEU A 509 4.63 -18.99 6.93
C LEU A 509 4.19 -19.41 8.34
N TYR A 510 3.92 -20.71 8.49
CA TYR A 510 3.49 -21.30 9.75
C TYR A 510 4.44 -20.92 10.87
N THR A 511 5.71 -21.30 10.70
CA THR A 511 6.76 -21.00 11.65
C THR A 511 6.98 -19.49 11.82
N ALA A 512 6.85 -18.74 10.73
CA ALA A 512 7.04 -17.28 10.83
C ALA A 512 6.03 -16.66 11.81
N VAL A 513 4.82 -17.21 11.86
CA VAL A 513 3.80 -16.67 12.75
C VAL A 513 3.99 -17.05 14.21
N CYS A 514 4.41 -18.29 14.44
CA CYS A 514 4.69 -18.78 15.78
C CYS A 514 5.86 -18.01 16.37
N GLU A 515 6.84 -17.70 15.51
CA GLU A 515 8.00 -16.94 15.95
C GLU A 515 7.50 -15.59 16.45
N VAL A 516 6.70 -14.91 15.62
CA VAL A 516 6.16 -13.59 15.95
C VAL A 516 5.30 -13.52 17.20
N VAL A 517 4.48 -14.54 17.45
CA VAL A 517 3.64 -14.53 18.63
C VAL A 517 4.41 -15.04 19.84
N GLY A 518 5.50 -15.75 19.58
CA GLY A 518 6.31 -16.27 20.66
C GLY A 518 5.92 -17.65 21.17
N LYS A 519 5.26 -18.42 20.32
CA LYS A 519 4.85 -19.79 20.65
C LYS A 519 5.85 -20.76 20.02
N PRO A 520 6.53 -21.53 20.88
CA PRO A 520 7.56 -22.54 20.58
C PRO A 520 7.07 -23.90 20.10
N LEU A 521 7.48 -24.25 18.90
CA LEU A 521 7.12 -25.53 18.31
C LEU A 521 7.35 -26.73 19.23
N THR A 522 6.28 -27.47 19.52
CA THR A 522 6.33 -28.66 20.39
C THR A 522 5.21 -29.64 20.04
N SER A 523 5.48 -30.94 20.02
CA SER A 523 4.44 -31.91 19.70
C SER A 523 3.53 -32.15 20.89
N VAL A 524 3.89 -31.60 22.05
CA VAL A 524 3.08 -31.81 23.24
C VAL A 524 1.93 -30.83 23.44
N ARG A 525 1.92 -29.75 22.67
CA ARG A 525 0.87 -28.75 22.80
C ARG A 525 0.66 -27.95 21.51
N PRO A 526 -0.59 -27.49 21.26
CA PRO A 526 -0.94 -26.70 20.07
C PRO A 526 -0.72 -25.23 20.38
N TYR A 527 -0.90 -24.37 19.38
CA TYR A 527 -0.69 -22.93 19.54
C TYR A 527 -1.50 -22.35 20.72
N ILE A 528 -2.78 -22.68 20.77
CA ILE A 528 -3.63 -22.22 21.86
C ILE A 528 -4.07 -23.47 22.59
N TRP A 529 -3.72 -23.57 23.87
CA TRP A 529 -4.06 -24.72 24.69
C TRP A 529 -5.21 -24.32 25.62
N ASN A 530 -4.94 -23.45 26.59
CA ASN A 530 -5.96 -22.98 27.52
C ASN A 530 -6.26 -21.51 27.23
N ASP A 531 -7.46 -21.08 27.63
CA ASP A 531 -7.92 -19.71 27.42
C ASP A 531 -7.23 -18.68 28.32
N ASN A 532 -6.82 -19.11 29.51
CA ASN A 532 -6.20 -18.22 30.47
C ASN A 532 -4.67 -18.13 30.30
N GLU A 533 -4.12 -18.77 29.28
CA GLU A 533 -2.67 -18.77 29.05
C GLU A 533 -2.11 -17.72 28.10
N GLN A 534 -2.95 -16.86 27.53
CA GLN A 534 -2.45 -15.82 26.63
C GLN A 534 -3.48 -14.74 26.34
N CYS A 535 -3.00 -13.58 25.92
CA CYS A 535 -3.89 -12.47 25.57
C CYS A 535 -3.97 -12.42 24.04
N LEU A 536 -5.04 -12.95 23.47
CA LEU A 536 -5.17 -12.97 22.02
C LEU A 536 -4.95 -11.62 21.38
N ASP A 537 -5.36 -10.55 22.06
CA ASP A 537 -5.17 -9.22 21.54
C ASP A 537 -3.69 -8.89 21.30
N GLU A 538 -2.81 -9.42 22.14
CA GLU A 538 -1.37 -9.19 22.01
C GLU A 538 -0.83 -9.85 20.74
N HIS A 539 -1.31 -11.05 20.45
CA HIS A 539 -0.87 -11.74 19.26
C HIS A 539 -1.40 -11.07 17.99
N ILE A 540 -2.52 -10.39 18.10
CA ILE A 540 -3.07 -9.72 16.93
C ILE A 540 -2.18 -8.54 16.58
N ALA A 541 -1.90 -7.75 17.60
CA ALA A 541 -1.08 -6.57 17.46
C ALA A 541 0.33 -6.91 16.99
N ARG A 542 0.88 -8.00 17.53
CA ARG A 542 2.23 -8.39 17.15
C ARG A 542 2.30 -8.82 15.70
N ILE A 543 1.35 -9.63 15.26
CA ILE A 543 1.37 -10.09 13.88
C ILE A 543 1.11 -8.89 12.93
N SER A 544 0.26 -7.96 13.36
CA SER A 544 -0.06 -6.77 12.57
C SER A 544 1.23 -5.97 12.36
N ALA A 545 1.83 -5.54 13.46
CA ALA A 545 3.07 -4.78 13.40
C ALA A 545 4.10 -5.49 12.49
N ASP A 546 4.20 -6.81 12.62
CA ASP A 546 5.14 -7.56 11.79
C ASP A 546 4.84 -7.33 10.32
N ILE A 547 3.62 -7.68 9.92
CA ILE A 547 3.13 -7.50 8.54
C ILE A 547 3.31 -6.06 8.05
N ALA A 548 3.05 -5.09 8.92
CA ALA A 548 3.17 -3.69 8.55
C ALA A 548 4.62 -3.24 8.38
N GLY A 549 5.53 -3.85 9.13
CA GLY A 549 6.93 -3.48 9.03
C GLY A 549 7.68 -4.35 8.04
N GLY A 550 7.03 -5.38 7.53
CA GLY A 550 7.66 -6.28 6.58
C GLY A 550 8.53 -7.33 7.24
N GLY A 551 8.08 -7.83 8.39
CA GLY A 551 8.82 -8.84 9.14
C GLY A 551 8.94 -10.23 8.55
N LEU A 552 9.16 -11.19 9.44
CA LEU A 552 9.34 -12.59 9.06
C LEU A 552 8.15 -13.16 8.30
N ILE A 553 6.95 -12.84 8.78
CA ILE A 553 5.73 -13.31 8.14
C ILE A 553 5.70 -12.88 6.66
N VAL A 554 6.03 -11.61 6.38
CA VAL A 554 6.02 -11.12 5.01
C VAL A 554 7.06 -11.86 4.17
N GLN A 555 8.29 -11.93 4.69
CA GLN A 555 9.38 -12.62 4.00
C GLN A 555 8.95 -14.02 3.63
N ALA A 556 8.09 -14.60 4.46
CA ALA A 556 7.57 -15.95 4.26
C ALA A 556 6.72 -16.08 3.01
N VAL A 557 6.17 -14.96 2.56
CA VAL A 557 5.35 -14.96 1.35
C VAL A 557 6.07 -14.33 0.17
N GLU A 558 7.34 -14.01 0.40
CA GLU A 558 8.19 -13.43 -0.62
C GLU A 558 7.94 -14.12 -1.95
N HIS A 559 8.04 -15.45 -1.96
CA HIS A 559 7.83 -16.32 -3.15
C HIS A 559 6.48 -16.16 -3.87
N ILE A 560 5.48 -15.58 -3.21
CA ILE A 560 4.20 -15.40 -3.86
C ILE A 560 4.07 -13.97 -4.38
N PHE A 561 4.57 -13.00 -3.62
CA PHE A 561 4.48 -11.60 -4.03
C PHE A 561 5.28 -11.35 -5.31
N SER A 562 6.40 -12.04 -5.45
CA SER A 562 7.22 -11.87 -6.64
C SER A 562 6.63 -12.66 -7.80
N SER A 563 5.73 -13.59 -7.53
CA SER A 563 5.16 -14.40 -8.60
C SER A 563 4.24 -13.58 -9.49
N LEU A 564 3.79 -12.46 -8.95
CA LEU A 564 2.90 -11.57 -9.67
C LEU A 564 3.73 -10.68 -10.60
#